data_4FR2
#
_entry.id   4FR2
#
_cell.length_a   88.825
_cell.length_b   88.825
_cell.length_c   151.028
_cell.angle_alpha   90.00
_cell.angle_beta   90.00
_cell.angle_gamma   90.00
#
_symmetry.space_group_name_H-M   'P 43 21 2'
#
loop_
_entity.id
_entity.type
_entity.pdbx_description
1 polymer '1,3-propanediol dehydrogenase'
2 non-polymer 'NICKEL (II) ION'
#
_entity_poly.entity_id   1
_entity_poly.type   'polypeptide(L)'
_entity_poly.pdbx_seq_one_letter_code
;MRGSHHHHHHGSAERAYDFLMPSVNFFGPGVISKIGERAKMLGMKKPVIVTDKFLENLKNGAVAQTLASLKKSGVDYVVY
NGVEPNPKIHNIKEVKTLYEKEDADSIITVGGGSAHDTGKGAGIIMTNGDDITKLAGIETLKNPLPPLIAVNTTAGTGSE
LTRHAVITNEETHLKFVVVSWRNIPLVSFNDPTLMLDIPKGLTAATGMDAFVQAVEPYVSVDHNPITDSQCIQAIKLIES
SLREAVANGHNLQARTKMVEAEMLAGMAFNNANLGYVHAMAHQLGGQYDAPHGVCCALLLPYAEEYNLIADPERFAELAR
IMGENTDGLSTRDAAELSIKAMKQLSEDVGIPHSIKDIGAKPEDFDLMAENALKDGNAFSNPRKGTKEDIVKIFQEAYDA
K
;
_entity_poly.pdbx_strand_id   A
#
# COMPACT_ATOMS: atom_id res chain seq x y z
N ALA A 16 -16.02 1.47 19.56
CA ALA A 16 -15.34 2.80 19.67
C ALA A 16 -14.06 2.81 18.84
N TYR A 17 -13.28 1.73 18.95
CA TYR A 17 -12.10 1.51 18.12
C TYR A 17 -12.17 0.11 17.55
N ASP A 18 -12.03 0.01 16.23
CA ASP A 18 -12.13 -1.28 15.53
C ASP A 18 -10.80 -1.74 15.02
N PHE A 19 -10.63 -3.05 14.96
CA PHE A 19 -9.47 -3.66 14.30
C PHE A 19 -9.91 -4.52 13.13
N LEU A 20 -9.59 -4.05 11.93
CA LEU A 20 -10.09 -4.63 10.68
C LEU A 20 -8.98 -5.35 9.90
N MET A 21 -8.93 -6.68 10.00
CA MET A 21 -7.97 -7.49 9.24
C MET A 21 -8.72 -8.60 8.54
N PRO A 22 -8.20 -9.12 7.40
CA PRO A 22 -8.75 -10.31 6.74
C PRO A 22 -8.72 -11.55 7.61
N SER A 23 -9.74 -12.39 7.41
CA SER A 23 -9.99 -13.59 8.22
C SER A 23 -8.93 -14.66 8.06
N VAL A 24 -8.40 -14.84 6.85
CA VAL A 24 -7.29 -15.75 6.61
C VAL A 24 -6.23 -15.04 5.78
N ASN A 25 -4.98 -15.16 6.21
CA ASN A 25 -3.84 -14.66 5.45
C ASN A 25 -2.78 -15.74 5.39
N PHE A 26 -2.42 -16.15 4.17
CA PHE A 26 -1.35 -17.12 4.01
C PHE A 26 -0.02 -16.47 3.70
N PHE A 27 1.05 -17.16 4.09
CA PHE A 27 2.38 -16.61 3.99
C PHE A 27 3.43 -17.68 3.75
N GLY A 28 4.59 -17.26 3.24
CA GLY A 28 5.67 -18.20 2.92
C GLY A 28 5.43 -18.88 1.58
N PRO A 29 6.36 -19.74 1.14
CA PRO A 29 6.24 -20.36 -0.18
C PRO A 29 5.22 -21.49 -0.19
N GLY A 30 4.46 -21.59 -1.27
CA GLY A 30 3.36 -22.56 -1.37
C GLY A 30 2.04 -21.86 -1.10
N VAL A 31 2.11 -20.75 -0.38
CA VAL A 31 0.95 -19.95 -0.04
C VAL A 31 0.02 -19.80 -1.24
N ILE A 32 0.59 -19.62 -2.43
CA ILE A 32 -0.22 -19.52 -3.65
C ILE A 32 -1.02 -20.80 -3.87
N SER A 33 -0.32 -21.91 -4.11
CA SER A 33 -0.98 -23.20 -4.33
C SER A 33 -2.00 -23.44 -3.24
N LYS A 34 -1.55 -23.25 -2.00
CA LYS A 34 -2.39 -23.46 -0.82
C LYS A 34 -3.65 -22.61 -0.85
N ILE A 35 -3.58 -21.43 -1.45
CA ILE A 35 -4.79 -20.63 -1.56
C ILE A 35 -5.72 -21.15 -2.67
N GLY A 36 -5.13 -21.82 -3.66
CA GLY A 36 -5.91 -22.53 -4.68
C GLY A 36 -6.78 -23.57 -3.98
N GLU A 37 -6.16 -24.33 -3.08
CA GLU A 37 -6.85 -25.32 -2.25
C GLU A 37 -7.97 -24.68 -1.42
N ARG A 38 -7.68 -23.49 -0.89
CA ARG A 38 -8.61 -22.79 -0.01
C ARG A 38 -9.72 -22.11 -0.80
N ALA A 39 -9.42 -21.80 -2.06
CA ALA A 39 -10.42 -21.32 -2.99
C ALA A 39 -11.33 -22.48 -3.39
N LYS A 40 -10.76 -23.69 -3.44
CA LYS A 40 -11.55 -24.90 -3.72
C LYS A 40 -12.41 -25.23 -2.51
N MET A 41 -11.77 -25.49 -1.37
CA MET A 41 -12.47 -25.85 -0.13
C MET A 41 -13.49 -24.82 0.32
N LEU A 42 -13.46 -23.62 -0.27
CA LEU A 42 -14.46 -22.59 0.00
C LEU A 42 -15.70 -22.71 -0.91
N GLY A 43 -15.63 -23.59 -1.89
CA GLY A 43 -16.75 -23.87 -2.80
C GLY A 43 -16.98 -22.79 -3.84
N MET A 44 -15.91 -22.37 -4.50
CA MET A 44 -15.99 -21.36 -5.58
C MET A 44 -15.71 -22.01 -6.94
N LYS A 45 -16.30 -21.47 -8.00
CA LYS A 45 -16.23 -22.14 -9.30
C LYS A 45 -15.62 -21.34 -10.46
N LYS A 46 -16.06 -20.10 -10.64
CA LYS A 46 -15.67 -19.32 -11.82
C LYS A 46 -15.41 -17.87 -11.45
N PRO A 47 -14.14 -17.50 -11.19
CA PRO A 47 -13.74 -16.15 -10.80
C PRO A 47 -13.10 -15.31 -11.90
N VAL A 48 -13.17 -13.99 -11.76
CA VAL A 48 -12.34 -13.11 -12.59
C VAL A 48 -11.02 -12.85 -11.90
N ILE A 49 -9.95 -12.98 -12.66
CA ILE A 49 -8.63 -12.64 -12.19
C ILE A 49 -8.28 -11.25 -12.67
N VAL A 50 -7.80 -10.42 -11.74
CA VAL A 50 -7.51 -9.04 -12.02
C VAL A 50 -5.99 -8.79 -11.88
N THR A 51 -5.38 -8.31 -12.96
CA THR A 51 -3.93 -8.07 -13.00
C THR A 51 -3.53 -6.99 -13.99
N ASP A 52 -2.27 -6.59 -13.97
CA ASP A 52 -1.72 -5.64 -14.94
C ASP A 52 -1.29 -6.33 -16.25
N LYS A 53 -0.58 -5.59 -17.10
CA LYS A 53 0.04 -6.17 -18.28
C LYS A 53 1.16 -7.14 -17.89
N PHE A 54 2.28 -6.57 -17.43
CA PHE A 54 3.51 -7.31 -17.12
C PHE A 54 3.32 -8.78 -16.74
N LEU A 55 2.47 -9.04 -15.75
CA LEU A 55 2.29 -10.39 -15.22
C LEU A 55 1.56 -11.33 -16.18
N GLU A 56 0.55 -10.81 -16.88
CA GLU A 56 -0.12 -11.57 -17.94
C GLU A 56 0.90 -11.98 -19.00
N ASN A 57 1.63 -10.99 -19.51
CA ASN A 57 2.69 -11.22 -20.48
C ASN A 57 3.75 -12.17 -19.95
N LEU A 58 4.31 -11.85 -18.79
CA LEU A 58 5.39 -12.64 -18.20
C LEU A 58 4.88 -14.01 -17.75
N LYS A 59 5.82 -14.89 -17.44
CA LYS A 59 5.50 -16.23 -16.92
C LYS A 59 6.52 -16.79 -15.92
N ASN A 60 7.04 -15.93 -15.05
CA ASN A 60 7.83 -16.41 -13.89
C ASN A 60 6.84 -17.09 -12.92
N GLY A 61 6.15 -16.27 -12.12
CA GLY A 61 4.94 -16.69 -11.42
C GLY A 61 3.76 -16.38 -12.33
N ALA A 62 3.83 -15.23 -13.00
CA ALA A 62 2.88 -14.81 -14.04
C ALA A 62 1.44 -14.79 -13.57
N VAL A 63 0.54 -15.04 -14.51
CA VAL A 63 -0.83 -15.40 -14.21
C VAL A 63 -0.97 -16.85 -14.63
N ALA A 64 -0.13 -17.23 -15.58
CA ALA A 64 -0.11 -18.56 -16.18
C ALA A 64 0.02 -19.67 -15.13
N GLN A 65 0.97 -19.52 -14.21
CA GLN A 65 1.20 -20.51 -13.18
C GLN A 65 0.07 -20.58 -12.16
N THR A 66 -0.71 -19.50 -12.06
CA THR A 66 -1.83 -19.44 -11.12
C THR A 66 -3.08 -20.06 -11.71
N LEU A 67 -3.45 -19.61 -12.90
CA LEU A 67 -4.60 -20.11 -13.65
C LEU A 67 -4.62 -21.64 -13.71
N ALA A 68 -3.45 -22.22 -14.01
CA ALA A 68 -3.26 -23.66 -13.99
C ALA A 68 -3.43 -24.20 -12.57
N SER A 69 -2.65 -23.68 -11.62
CA SER A 69 -2.75 -24.07 -10.21
C SER A 69 -4.16 -23.91 -9.66
N LEU A 70 -4.92 -23.01 -10.29
CA LEU A 70 -6.32 -22.76 -9.94
C LEU A 70 -7.20 -23.84 -10.54
N LYS A 71 -6.97 -24.17 -11.80
CA LYS A 71 -7.69 -25.27 -12.46
C LYS A 71 -7.34 -26.62 -11.84
N LYS A 72 -6.13 -26.73 -11.29
CA LYS A 72 -5.61 -27.98 -10.72
C LYS A 72 -6.40 -28.48 -9.51
N SER A 73 -6.88 -27.56 -8.68
CA SER A 73 -7.70 -27.91 -7.52
C SER A 73 -9.19 -27.82 -7.87
N GLY A 74 -9.50 -27.95 -9.16
CA GLY A 74 -10.87 -27.98 -9.66
C GLY A 74 -11.61 -26.67 -9.59
N VAL A 75 -11.19 -25.68 -10.38
CA VAL A 75 -11.88 -24.38 -10.46
C VAL A 75 -11.61 -23.63 -11.77
N ASP A 76 -12.63 -22.92 -12.26
CA ASP A 76 -12.55 -22.17 -13.53
C ASP A 76 -11.74 -20.88 -13.43
N TYR A 77 -11.85 -20.01 -14.45
CA TYR A 77 -10.90 -18.91 -14.67
C TYR A 77 -11.31 -17.99 -15.83
N VAL A 78 -11.09 -16.69 -15.66
CA VAL A 78 -11.04 -15.71 -16.78
C VAL A 78 -10.28 -14.48 -16.31
N VAL A 79 -9.26 -14.09 -17.06
CA VAL A 79 -8.35 -13.01 -16.67
C VAL A 79 -8.81 -11.61 -17.14
N TYR A 80 -8.16 -10.56 -16.63
CA TYR A 80 -8.33 -9.19 -17.14
C TYR A 80 -6.97 -8.48 -17.15
N ASN A 81 -6.49 -8.17 -18.35
CA ASN A 81 -5.14 -7.62 -18.55
C ASN A 81 -5.06 -6.11 -18.31
N GLY A 82 -6.10 -5.40 -18.74
CA GLY A 82 -6.00 -3.97 -19.02
C GLY A 82 -5.96 -3.05 -17.80
N VAL A 83 -5.67 -3.60 -16.62
CA VAL A 83 -5.53 -2.78 -15.41
C VAL A 83 -4.48 -1.69 -15.56
N GLU A 84 -4.85 -0.48 -15.16
CA GLU A 84 -4.01 0.69 -15.34
C GLU A 84 -3.42 1.17 -14.01
N PRO A 85 -2.15 1.60 -14.03
CA PRO A 85 -1.57 2.26 -12.87
C PRO A 85 -2.42 3.48 -12.53
N ASN A 86 -2.76 3.65 -11.25
CA ASN A 86 -3.82 4.56 -10.81
C ASN A 86 -5.16 4.08 -11.40
N PRO A 87 -5.75 3.03 -10.80
CA PRO A 87 -6.95 2.38 -11.33
C PRO A 87 -8.10 3.35 -11.63
N LYS A 88 -8.55 3.33 -12.88
CA LYS A 88 -9.63 4.20 -13.35
C LYS A 88 -11.00 3.60 -13.13
N ILE A 89 -12.01 4.46 -13.07
CA ILE A 89 -13.41 4.03 -13.00
C ILE A 89 -13.81 3.21 -14.23
N HIS A 90 -13.07 3.39 -15.32
CA HIS A 90 -13.28 2.64 -16.56
C HIS A 90 -12.81 1.19 -16.44
N ASN A 91 -11.62 0.97 -15.87
CA ASN A 91 -11.10 -0.39 -15.65
C ASN A 91 -12.08 -1.28 -14.90
N ILE A 92 -12.66 -0.73 -13.83
CA ILE A 92 -13.65 -1.42 -13.02
C ILE A 92 -14.80 -1.92 -13.90
N LYS A 93 -15.41 -1.00 -14.64
CA LYS A 93 -16.52 -1.31 -15.56
C LYS A 93 -16.14 -2.36 -16.61
N GLU A 94 -14.88 -2.30 -17.05
CA GLU A 94 -14.35 -3.17 -18.10
C GLU A 94 -14.16 -4.60 -17.63
N VAL A 95 -13.66 -4.74 -16.41
CA VAL A 95 -13.38 -6.05 -15.82
C VAL A 95 -14.62 -6.69 -15.21
N LYS A 96 -15.55 -5.86 -14.73
CA LYS A 96 -16.77 -6.40 -14.13
C LYS A 96 -17.68 -6.94 -15.20
N THR A 97 -17.91 -6.14 -16.23
CA THR A 97 -18.68 -6.57 -17.39
C THR A 97 -17.98 -7.77 -18.02
N LEU A 98 -16.65 -7.74 -18.00
CA LEU A 98 -15.83 -8.81 -18.58
C LEU A 98 -16.19 -10.18 -18.02
N TYR A 99 -16.55 -10.25 -16.76
CA TYR A 99 -16.89 -11.53 -16.15
C TYR A 99 -18.39 -11.80 -16.02
N GLU A 100 -19.21 -10.77 -16.25
CA GLU A 100 -20.66 -10.96 -16.32
C GLU A 100 -21.03 -12.02 -17.34
N LYS A 101 -20.14 -12.20 -18.32
CA LYS A 101 -20.29 -13.21 -19.37
C LYS A 101 -19.95 -14.62 -18.88
N GLU A 102 -19.30 -14.71 -17.72
CA GLU A 102 -18.99 -16.02 -17.11
C GLU A 102 -19.61 -16.21 -15.72
N ASP A 103 -20.31 -15.19 -15.23
CA ASP A 103 -20.97 -15.18 -13.92
C ASP A 103 -20.07 -15.67 -12.78
N ALA A 104 -19.25 -14.75 -12.26
CA ALA A 104 -18.26 -15.07 -11.24
C ALA A 104 -18.87 -15.24 -9.85
N ASP A 105 -18.16 -15.95 -8.98
CA ASP A 105 -18.55 -16.08 -7.57
C ASP A 105 -17.46 -15.61 -6.61
N SER A 106 -16.21 -15.92 -6.96
CA SER A 106 -15.03 -15.40 -6.28
C SER A 106 -14.32 -14.42 -7.21
N ILE A 107 -13.48 -13.54 -6.64
CA ILE A 107 -12.55 -12.71 -7.44
C ILE A 107 -11.12 -12.93 -6.94
N ILE A 108 -10.18 -13.02 -7.86
CA ILE A 108 -8.78 -13.18 -7.50
C ILE A 108 -7.95 -12.10 -8.16
N THR A 109 -7.28 -11.28 -7.36
CA THR A 109 -6.43 -10.23 -7.88
C THR A 109 -4.96 -10.59 -7.69
N VAL A 110 -4.22 -10.64 -8.79
CA VAL A 110 -2.77 -10.84 -8.75
C VAL A 110 -2.02 -9.58 -9.20
N GLY A 111 -1.03 -9.16 -8.40
CA GLY A 111 -0.24 -7.97 -8.73
C GLY A 111 0.08 -7.07 -7.55
N GLY A 112 0.24 -5.78 -7.85
CA GLY A 112 0.56 -4.77 -6.84
C GLY A 112 -0.69 -4.10 -6.30
N GLY A 113 -0.55 -2.88 -5.80
CA GLY A 113 -1.67 -2.14 -5.25
C GLY A 113 -2.72 -1.80 -6.28
N SER A 114 -2.26 -1.26 -7.40
CA SER A 114 -3.15 -0.81 -8.48
C SER A 114 -4.09 -1.91 -8.92
N ALA A 115 -3.63 -3.16 -8.84
CA ALA A 115 -4.45 -4.32 -9.17
C ALA A 115 -5.57 -4.50 -8.14
N HIS A 116 -5.19 -4.59 -6.86
CA HIS A 116 -6.12 -4.88 -5.78
C HIS A 116 -7.24 -3.85 -5.64
N ASP A 117 -6.91 -2.58 -5.81
CA ASP A 117 -7.93 -1.53 -5.70
C ASP A 117 -9.03 -1.74 -6.73
N THR A 118 -8.63 -2.10 -7.95
CA THR A 118 -9.56 -2.41 -9.04
C THR A 118 -10.44 -3.61 -8.67
N GLY A 119 -9.81 -4.72 -8.31
CA GLY A 119 -10.53 -5.90 -7.84
C GLY A 119 -11.58 -5.55 -6.81
N LYS A 120 -11.21 -4.69 -5.86
CA LYS A 120 -12.13 -4.21 -4.83
C LYS A 120 -13.23 -3.35 -5.44
N GLY A 121 -12.87 -2.52 -6.41
CA GLY A 121 -13.85 -1.70 -7.12
C GLY A 121 -14.90 -2.59 -7.77
N ALA A 122 -14.47 -3.43 -8.71
CA ALA A 122 -15.32 -4.44 -9.32
C ALA A 122 -16.11 -5.14 -8.21
N GLY A 123 -15.38 -5.59 -7.19
CA GLY A 123 -15.97 -6.20 -6.00
C GLY A 123 -17.24 -5.55 -5.51
N ILE A 124 -17.12 -4.39 -4.87
CA ILE A 124 -18.29 -3.72 -4.28
C ILE A 124 -19.40 -3.56 -5.32
N ILE A 125 -19.03 -3.05 -6.50
CA ILE A 125 -19.98 -2.76 -7.57
C ILE A 125 -20.63 -4.01 -8.16
N MET A 126 -19.93 -5.13 -8.08
CA MET A 126 -20.44 -6.44 -8.50
C MET A 126 -21.56 -6.97 -7.61
N THR A 127 -21.74 -6.34 -6.45
CA THR A 127 -22.80 -6.71 -5.52
C THR A 127 -23.81 -5.58 -5.36
N ASN A 128 -23.31 -4.36 -5.27
CA ASN A 128 -24.14 -3.19 -4.97
C ASN A 128 -24.47 -2.36 -6.22
N GLY A 129 -25.25 -1.30 -6.01
CA GLY A 129 -25.57 -0.33 -7.07
C GLY A 129 -24.29 0.20 -7.69
N ASP A 130 -24.13 -0.06 -8.99
CA ASP A 130 -22.89 0.20 -9.74
C ASP A 130 -22.54 1.69 -9.82
N ASP A 131 -21.86 2.19 -8.80
CA ASP A 131 -21.65 3.61 -8.62
C ASP A 131 -20.52 3.88 -7.63
N ILE A 132 -19.29 3.91 -8.14
CA ILE A 132 -18.10 4.03 -7.29
C ILE A 132 -18.18 5.19 -6.30
N THR A 133 -18.63 6.35 -6.76
CA THR A 133 -18.68 7.54 -5.89
C THR A 133 -19.91 7.60 -4.98
N LYS A 134 -21.01 6.98 -5.41
CA LYS A 134 -22.14 6.78 -4.52
C LYS A 134 -21.67 5.92 -3.36
N LEU A 135 -20.64 5.11 -3.64
CA LEU A 135 -20.07 4.18 -2.67
C LEU A 135 -18.80 4.74 -2.01
N ALA A 136 -18.41 5.96 -2.39
CA ALA A 136 -17.27 6.66 -1.79
C ALA A 136 -17.60 7.31 -0.45
N GLY A 137 -16.62 7.29 0.46
CA GLY A 137 -16.78 7.80 1.83
C GLY A 137 -16.43 6.72 2.84
N ILE A 138 -17.11 6.69 3.98
CA ILE A 138 -16.93 5.60 4.95
C ILE A 138 -18.11 4.63 5.02
N GLU A 139 -17.81 3.35 4.81
CA GLU A 139 -18.74 2.22 5.04
C GLU A 139 -20.18 2.42 4.58
N THR A 140 -20.36 3.07 3.44
CA THR A 140 -21.70 3.39 2.93
C THR A 140 -22.42 2.17 2.34
N LEU A 141 -21.64 1.18 1.91
CA LEU A 141 -22.20 -0.05 1.34
C LEU A 141 -22.90 -0.90 2.39
N LYS A 142 -23.94 -1.63 1.96
CA LYS A 142 -24.69 -2.50 2.85
C LYS A 142 -24.26 -3.96 2.65
N ASN A 143 -24.24 -4.40 1.40
CA ASN A 143 -23.75 -5.73 1.07
C ASN A 143 -22.22 -5.73 0.97
N PRO A 144 -21.59 -6.91 1.13
CA PRO A 144 -20.13 -6.91 0.96
C PRO A 144 -19.72 -7.35 -0.46
N LEU A 145 -18.45 -7.10 -0.81
CA LEU A 145 -17.90 -7.51 -2.11
C LEU A 145 -17.87 -9.04 -2.26
N PRO A 146 -17.88 -9.55 -3.52
CA PRO A 146 -17.82 -11.00 -3.71
C PRO A 146 -16.46 -11.49 -3.25
N PRO A 147 -16.44 -12.60 -2.51
CA PRO A 147 -15.23 -13.11 -1.89
C PRO A 147 -13.99 -12.79 -2.71
N LEU A 148 -13.10 -11.98 -2.12
CA LEU A 148 -11.90 -11.53 -2.82
C LEU A 148 -10.64 -12.15 -2.22
N ILE A 149 -9.78 -12.65 -3.11
CA ILE A 149 -8.53 -13.24 -2.70
C ILE A 149 -7.40 -12.50 -3.38
N ALA A 150 -6.59 -11.84 -2.58
CA ALA A 150 -5.56 -10.96 -3.09
C ALA A 150 -4.21 -11.63 -3.08
N VAL A 151 -3.80 -12.09 -4.25
CA VAL A 151 -2.45 -12.59 -4.44
C VAL A 151 -1.65 -11.35 -4.80
N ASN A 152 -0.68 -11.00 -3.96
CA ASN A 152 0.03 -9.75 -4.16
C ASN A 152 1.50 -9.96 -4.44
N THR A 153 2.05 -9.12 -5.33
CA THR A 153 3.42 -9.32 -5.82
C THR A 153 4.41 -8.22 -5.43
N THR A 154 3.92 -7.10 -4.93
CA THR A 154 4.76 -6.01 -4.40
C THR A 154 5.10 -6.22 -2.92
N ALA A 155 6.25 -5.69 -2.51
CA ALA A 155 6.66 -5.68 -1.11
C ALA A 155 6.56 -4.23 -0.60
N GLY A 156 5.33 -3.76 -0.44
CA GLY A 156 5.11 -2.39 0.03
C GLY A 156 3.69 -2.07 0.40
N THR A 157 2.84 -1.96 -0.62
CA THR A 157 1.42 -1.66 -0.43
C THR A 157 0.76 -2.81 0.32
N GLY A 158 -0.15 -2.50 1.24
CA GLY A 158 -0.78 -3.53 2.07
C GLY A 158 -2.12 -4.01 1.54
N SER A 159 -2.50 -3.50 0.36
CA SER A 159 -3.86 -3.59 -0.21
C SER A 159 -4.54 -4.95 -0.14
N GLU A 160 -3.77 -6.04 -0.19
CA GLU A 160 -4.35 -7.37 -0.08
C GLU A 160 -5.10 -7.56 1.24
N LEU A 161 -4.73 -6.77 2.26
CA LEU A 161 -5.40 -6.80 3.55
C LEU A 161 -6.28 -5.58 3.76
N THR A 162 -5.86 -4.46 3.16
CA THR A 162 -6.39 -3.16 3.52
C THR A 162 -7.88 -3.01 3.20
N ARG A 163 -8.55 -2.14 3.97
CA ARG A 163 -9.97 -1.88 3.78
C ARG A 163 -10.17 -0.66 2.88
N HIS A 164 -9.15 -0.30 2.12
CA HIS A 164 -9.20 0.85 1.22
C HIS A 164 -9.19 0.44 -0.25
N ALA A 165 -10.12 1.00 -1.03
CA ALA A 165 -10.00 1.05 -2.48
C ALA A 165 -10.12 2.50 -2.90
N VAL A 166 -9.05 3.04 -3.48
CA VAL A 166 -9.10 4.42 -4.02
C VAL A 166 -9.20 4.35 -5.56
N ILE A 167 -10.31 4.84 -6.09
CA ILE A 167 -10.56 4.74 -7.52
C ILE A 167 -10.42 6.10 -8.18
N THR A 168 -9.61 6.15 -9.23
CA THR A 168 -9.41 7.39 -9.97
C THR A 168 -10.52 7.58 -11.01
N ASN A 169 -10.81 8.84 -11.33
CA ASN A 169 -11.94 9.21 -12.20
C ASN A 169 -11.70 10.54 -12.94
N GLU A 170 -11.64 10.46 -14.27
CA GLU A 170 -11.29 11.61 -15.13
C GLU A 170 -12.46 12.55 -15.46
N GLU A 171 -12.94 13.31 -14.46
CA GLU A 171 -13.92 14.39 -14.66
C GLU A 171 -13.36 15.77 -14.28
N THR A 172 -12.86 15.87 -13.05
CA THR A 172 -11.98 16.97 -12.61
C THR A 172 -10.62 16.29 -12.34
N HIS A 173 -10.47 15.10 -12.91
CA HIS A 173 -9.41 14.16 -12.56
C HIS A 173 -9.35 13.97 -11.05
N LEU A 174 -10.53 13.71 -10.49
CA LEU A 174 -10.70 13.44 -9.06
C LEU A 174 -10.15 12.07 -8.71
N LYS A 175 -9.75 11.91 -7.45
CA LYS A 175 -9.28 10.64 -6.92
C LYS A 175 -9.98 10.40 -5.58
N PHE A 176 -11.18 9.83 -5.63
CA PHE A 176 -11.96 9.63 -4.40
C PHE A 176 -11.86 8.22 -3.80
N VAL A 177 -12.27 8.11 -2.53
CA VAL A 177 -11.97 6.98 -1.68
C VAL A 177 -13.17 6.14 -1.28
N VAL A 178 -13.11 4.84 -1.52
CA VAL A 178 -14.10 3.94 -0.94
C VAL A 178 -13.53 3.29 0.31
N VAL A 179 -13.62 4.03 1.42
CA VAL A 179 -13.15 3.54 2.73
C VAL A 179 -14.28 2.83 3.46
N SER A 180 -14.64 1.65 2.97
CA SER A 180 -15.65 0.80 3.59
C SER A 180 -15.00 -0.49 4.06
N TRP A 181 -15.52 -1.03 5.16
CA TRP A 181 -14.99 -2.27 5.70
C TRP A 181 -15.35 -3.46 4.81
N ARG A 182 -16.53 -3.41 4.20
CA ARG A 182 -16.99 -4.54 3.39
C ARG A 182 -16.23 -4.63 2.07
N ASN A 183 -15.13 -3.88 1.99
CA ASN A 183 -14.11 -4.08 0.96
C ASN A 183 -13.10 -5.18 1.34
N ILE A 184 -12.70 -5.23 2.61
CA ILE A 184 -11.72 -6.18 3.11
C ILE A 184 -11.87 -7.55 2.46
N PRO A 185 -10.80 -8.05 1.82
CA PRO A 185 -10.73 -9.37 1.17
C PRO A 185 -10.92 -10.54 2.13
N LEU A 186 -11.37 -11.67 1.61
CA LEU A 186 -11.67 -12.85 2.43
C LEU A 186 -10.44 -13.63 2.80
N VAL A 187 -9.44 -13.60 1.92
CA VAL A 187 -8.15 -14.23 2.17
C VAL A 187 -7.06 -13.36 1.55
N SER A 188 -5.96 -13.23 2.27
CA SER A 188 -4.75 -12.66 1.73
C SER A 188 -3.76 -13.78 1.47
N PHE A 189 -2.96 -13.61 0.43
CA PHE A 189 -1.87 -14.53 0.15
C PHE A 189 -0.61 -13.75 -0.22
N ASN A 190 0.48 -14.08 0.46
CA ASN A 190 1.78 -13.51 0.13
C ASN A 190 2.79 -14.63 -0.05
N ASP A 191 3.01 -15.03 -1.30
CA ASP A 191 4.09 -15.96 -1.63
C ASP A 191 5.33 -15.17 -2.03
N PRO A 192 6.41 -15.28 -1.22
CA PRO A 192 7.67 -14.57 -1.41
C PRO A 192 8.16 -14.69 -2.83
N THR A 193 7.90 -15.84 -3.44
CA THR A 193 8.39 -16.16 -4.77
C THR A 193 7.75 -15.34 -5.89
N LEU A 194 6.50 -14.91 -5.69
CA LEU A 194 5.85 -14.04 -6.67
C LEU A 194 6.41 -12.63 -6.59
N MET A 195 7.28 -12.40 -5.61
CA MET A 195 7.89 -11.10 -5.34
C MET A 195 9.35 -11.03 -5.79
N LEU A 196 9.84 -12.08 -6.45
CA LEU A 196 11.15 -12.04 -7.09
C LEU A 196 11.08 -11.22 -8.36
N ASP A 197 9.89 -11.19 -8.95
CA ASP A 197 9.51 -10.32 -10.06
C ASP A 197 9.92 -8.84 -9.84
N ILE A 198 9.93 -8.40 -8.59
CA ILE A 198 10.30 -7.03 -8.26
C ILE A 198 11.79 -6.78 -8.53
N PRO A 199 12.10 -5.84 -9.44
CA PRO A 199 13.49 -5.50 -9.73
C PRO A 199 13.96 -4.22 -9.01
N LYS A 200 15.11 -4.32 -8.33
CA LYS A 200 15.80 -3.18 -7.70
C LYS A 200 14.96 -1.90 -7.55
N GLY A 201 14.86 -1.13 -8.63
CA GLY A 201 14.03 0.09 -8.68
C GLY A 201 12.71 -0.01 -7.94
N LEU A 202 11.97 -1.09 -8.19
CA LEU A 202 10.62 -1.28 -7.62
C LEU A 202 10.59 -1.84 -6.19
N THR A 203 11.57 -2.67 -5.82
CA THR A 203 11.64 -3.18 -4.44
C THR A 203 12.10 -2.09 -3.47
N ALA A 204 12.86 -1.14 -4.00
CA ALA A 204 13.26 0.04 -3.26
C ALA A 204 12.08 0.99 -3.11
N ALA A 205 11.24 1.04 -4.13
CA ALA A 205 10.09 1.96 -4.12
C ALA A 205 9.02 1.47 -3.15
N THR A 206 8.55 0.25 -3.36
CA THR A 206 7.52 -0.32 -2.52
C THR A 206 8.05 -0.49 -1.10
N GLY A 207 9.29 -0.97 -0.99
CA GLY A 207 9.94 -1.17 0.30
C GLY A 207 10.03 0.07 1.17
N MET A 208 10.14 1.23 0.53
CA MET A 208 10.10 2.46 1.27
C MET A 208 8.65 2.79 1.62
N ASP A 209 7.77 2.64 0.64
CA ASP A 209 6.33 2.90 0.83
C ASP A 209 5.78 2.21 2.08
N ALA A 210 6.05 0.91 2.20
CA ALA A 210 5.60 0.12 3.35
C ALA A 210 6.08 0.77 4.64
N PHE A 211 7.38 0.99 4.70
CA PHE A 211 8.04 1.61 5.82
C PHE A 211 7.49 2.99 6.19
N VAL A 212 7.20 3.80 5.18
CA VAL A 212 6.48 5.04 5.40
C VAL A 212 5.14 4.72 6.05
N GLN A 213 4.43 3.76 5.48
CA GLN A 213 3.16 3.34 6.04
C GLN A 213 3.32 2.94 7.49
N ALA A 214 4.51 2.51 7.90
CA ALA A 214 4.73 2.05 9.27
C ALA A 214 4.97 3.18 10.27
N VAL A 215 5.75 4.19 9.88
CA VAL A 215 6.00 5.31 10.80
C VAL A 215 4.76 6.21 10.90
N GLU A 216 4.17 6.51 9.75
CA GLU A 216 2.96 7.36 9.68
C GLU A 216 1.89 7.02 10.72
N PRO A 217 1.50 5.74 10.85
CA PRO A 217 0.58 5.40 11.91
C PRO A 217 1.24 5.29 13.27
N TYR A 218 2.54 4.95 13.31
CA TYR A 218 3.19 4.82 14.60
C TYR A 218 3.20 6.15 15.36
N VAL A 219 3.11 7.25 14.61
CA VAL A 219 2.99 8.56 15.20
C VAL A 219 1.54 9.05 15.13
N SER A 220 0.72 8.29 14.42
CA SER A 220 -0.66 8.70 14.12
C SER A 220 -1.48 8.99 15.37
N VAL A 221 -2.41 9.93 15.23
CA VAL A 221 -3.40 10.31 16.25
C VAL A 221 -4.18 9.09 16.74
N ASP A 222 -4.51 8.18 15.82
CA ASP A 222 -5.38 7.08 16.16
C ASP A 222 -4.69 5.71 16.27
N HIS A 223 -3.41 5.75 16.65
CA HIS A 223 -2.64 4.54 16.92
C HIS A 223 -3.08 3.93 18.23
N ASN A 224 -2.81 2.64 18.38
CA ASN A 224 -3.19 1.91 19.59
C ASN A 224 -2.12 0.86 19.91
N PRO A 225 -2.32 0.08 20.99
CA PRO A 225 -1.31 -0.95 21.24
C PRO A 225 -1.02 -1.81 20.02
N ILE A 226 -2.04 -2.42 19.41
CA ILE A 226 -1.84 -3.37 18.29
C ILE A 226 -1.03 -2.71 17.19
N THR A 227 -1.48 -1.55 16.76
CA THR A 227 -0.78 -0.75 15.77
C THR A 227 0.69 -0.60 16.12
N ASP A 228 0.97 0.18 17.16
CA ASP A 228 2.33 0.38 17.66
C ASP A 228 3.17 -0.88 17.55
N SER A 229 2.61 -1.99 18.03
CA SER A 229 3.29 -3.27 18.01
C SER A 229 3.70 -3.67 16.60
N GLN A 230 2.72 -3.89 15.73
CA GLN A 230 3.02 -4.35 14.37
C GLN A 230 3.95 -3.36 13.65
N CYS A 231 3.70 -2.07 13.88
CA CYS A 231 4.45 -0.98 13.24
C CYS A 231 5.96 -1.03 13.46
N ILE A 232 6.39 -1.28 14.68
CA ILE A 232 7.82 -1.33 14.91
C ILE A 232 8.42 -2.57 14.24
N GLN A 233 7.97 -3.76 14.62
CA GLN A 233 8.51 -4.98 14.04
C GLN A 233 8.62 -4.88 12.52
N ALA A 234 7.66 -4.19 11.90
CA ALA A 234 7.69 -3.90 10.46
C ALA A 234 8.97 -3.16 10.07
N ILE A 235 9.25 -2.07 10.78
CA ILE A 235 10.48 -1.29 10.57
C ILE A 235 11.72 -2.11 10.98
N LYS A 236 11.61 -2.85 12.07
CA LYS A 236 12.68 -3.73 12.49
C LYS A 236 13.03 -4.69 11.34
N LEU A 237 12.00 -5.24 10.69
CA LEU A 237 12.20 -6.21 9.62
C LEU A 237 12.73 -5.54 8.37
N ILE A 238 12.35 -4.27 8.18
CA ILE A 238 12.81 -3.52 7.03
C ILE A 238 14.29 -3.17 7.19
N GLU A 239 14.67 -2.58 8.32
CA GLU A 239 16.07 -2.26 8.56
C GLU A 239 16.95 -3.43 8.09
N SER A 240 16.67 -4.61 8.65
CA SER A 240 17.58 -5.74 8.55
C SER A 240 17.51 -6.43 7.21
N SER A 241 16.35 -6.36 6.56
CA SER A 241 16.15 -7.18 5.37
C SER A 241 15.86 -6.42 4.07
N LEU A 242 15.66 -5.11 4.12
CA LEU A 242 15.31 -4.36 2.91
C LEU A 242 16.47 -4.25 1.92
N ARG A 243 17.58 -3.67 2.38
CA ARG A 243 18.74 -3.41 1.51
C ARG A 243 19.22 -4.69 0.84
N GLU A 244 19.19 -5.79 1.58
CA GLU A 244 19.49 -7.11 1.04
C GLU A 244 18.66 -7.37 -0.23
N ALA A 245 17.34 -7.35 -0.09
CA ALA A 245 16.43 -7.62 -1.21
C ALA A 245 16.70 -6.72 -2.42
N VAL A 246 17.18 -5.51 -2.15
CA VAL A 246 17.43 -4.53 -3.20
C VAL A 246 18.70 -4.88 -3.97
N ALA A 247 19.69 -5.44 -3.27
CA ALA A 247 20.87 -6.00 -3.92
C ALA A 247 20.52 -7.38 -4.50
N ASN A 248 20.59 -8.41 -3.67
CA ASN A 248 20.22 -9.76 -4.08
C ASN A 248 18.71 -9.93 -4.08
N GLY A 249 18.06 -9.41 -5.12
CA GLY A 249 16.63 -9.61 -5.33
C GLY A 249 16.27 -11.09 -5.31
N HIS A 250 17.25 -11.93 -5.61
CA HIS A 250 17.10 -13.38 -5.64
C HIS A 250 17.09 -14.00 -4.24
N ASN A 251 17.72 -13.31 -3.29
CA ASN A 251 17.74 -13.78 -1.90
C ASN A 251 16.31 -13.93 -1.40
N LEU A 252 15.83 -15.17 -1.28
CA LEU A 252 14.46 -15.37 -0.83
C LEU A 252 14.25 -15.09 0.66
N GLN A 253 15.22 -15.46 1.50
CA GLN A 253 15.07 -15.27 2.94
C GLN A 253 14.79 -13.81 3.34
N ALA A 254 15.45 -12.87 2.66
CA ALA A 254 15.17 -11.44 2.88
C ALA A 254 13.89 -11.02 2.15
N ARG A 255 13.58 -11.72 1.07
CA ARG A 255 12.38 -11.45 0.28
C ARG A 255 11.11 -11.90 1.02
N THR A 256 11.29 -12.81 1.98
CA THR A 256 10.22 -13.30 2.83
C THR A 256 9.95 -12.33 3.97
N LYS A 257 10.98 -12.00 4.73
CA LYS A 257 10.84 -11.10 5.88
C LYS A 257 10.46 -9.69 5.45
N MET A 258 10.82 -9.33 4.21
CA MET A 258 10.30 -8.13 3.60
C MET A 258 8.80 -8.23 3.35
N VAL A 259 8.34 -9.42 2.97
CA VAL A 259 6.92 -9.64 2.73
C VAL A 259 6.17 -9.53 4.05
N GLU A 260 6.77 -10.08 5.11
CA GLU A 260 6.23 -9.99 6.47
C GLU A 260 6.05 -8.51 6.83
N ALA A 261 7.14 -7.76 6.72
CA ALA A 261 7.12 -6.35 7.02
C ALA A 261 5.88 -5.71 6.42
N GLU A 262 5.79 -5.80 5.10
CA GLU A 262 4.74 -5.17 4.30
C GLU A 262 3.33 -5.38 4.87
N MET A 263 3.09 -6.55 5.47
CA MET A 263 1.78 -6.83 6.08
C MET A 263 1.67 -6.30 7.49
N LEU A 264 2.66 -6.59 8.33
CA LEU A 264 2.71 -6.04 9.69
C LEU A 264 2.54 -4.54 9.61
N ALA A 265 3.11 -3.93 8.57
CA ALA A 265 2.89 -2.53 8.29
C ALA A 265 1.45 -2.27 7.92
N GLY A 266 0.92 -3.10 7.01
CA GLY A 266 -0.46 -3.00 6.58
C GLY A 266 -1.38 -3.08 7.78
N MET A 267 -1.29 -4.17 8.54
CA MET A 267 -2.09 -4.38 9.73
C MET A 267 -2.30 -3.06 10.48
N ALA A 268 -1.21 -2.35 10.72
CA ALA A 268 -1.26 -1.15 11.55
C ALA A 268 -1.81 0.06 10.82
N PHE A 269 -1.26 0.37 9.65
CA PHE A 269 -1.70 1.56 8.91
C PHE A 269 -3.17 1.47 8.46
N ASN A 270 -3.69 0.26 8.39
CA ASN A 270 -5.10 0.09 8.13
C ASN A 270 -5.96 0.59 9.27
N ASN A 271 -5.46 0.41 10.50
CA ASN A 271 -6.26 0.67 11.70
C ASN A 271 -6.04 2.01 12.38
N ALA A 272 -4.80 2.48 12.37
CA ALA A 272 -4.51 3.90 12.54
C ALA A 272 -4.11 4.37 11.16
N ASN A 273 -4.60 5.52 10.73
CA ASN A 273 -4.34 5.95 9.36
C ASN A 273 -2.92 6.46 9.18
N LEU A 274 -2.72 7.29 8.17
CA LEU A 274 -1.40 7.83 7.91
C LEU A 274 -1.38 9.30 8.30
N GLY A 275 -0.21 9.93 8.23
CA GLY A 275 -0.12 11.36 8.47
C GLY A 275 -0.07 12.12 7.16
N TYR A 276 0.91 13.00 7.03
CA TYR A 276 1.05 13.86 5.86
C TYR A 276 1.86 13.24 4.73
N VAL A 277 2.94 12.53 5.08
CA VAL A 277 3.81 11.96 4.05
C VAL A 277 2.95 11.40 2.93
N HIS A 278 1.91 10.64 3.28
CA HIS A 278 1.00 10.10 2.28
C HIS A 278 0.08 11.13 1.67
N ALA A 279 -0.49 12.00 2.50
CA ALA A 279 -1.39 13.06 2.01
C ALA A 279 -0.72 13.95 0.97
N MET A 280 0.52 14.35 1.23
CA MET A 280 1.34 15.10 0.30
C MET A 280 1.71 14.27 -0.94
N ALA A 281 2.35 13.12 -0.73
CA ALA A 281 2.85 12.26 -1.82
C ALA A 281 1.76 11.70 -2.74
N HIS A 282 0.52 11.62 -2.25
CA HIS A 282 -0.62 11.23 -3.09
C HIS A 282 -0.83 12.24 -4.20
N GLN A 283 -0.71 13.52 -3.86
CA GLN A 283 -0.88 14.60 -4.83
C GLN A 283 0.19 14.57 -5.90
N LEU A 284 1.45 14.42 -5.47
CA LEU A 284 2.58 14.40 -6.38
C LEU A 284 2.54 13.19 -7.32
N GLY A 285 2.00 12.08 -6.83
CA GLY A 285 1.86 10.84 -7.60
C GLY A 285 0.88 10.90 -8.77
N GLY A 286 -0.05 11.86 -8.73
CA GLY A 286 -1.05 12.04 -9.79
C GLY A 286 -1.20 13.47 -10.26
N GLN A 287 -0.09 14.21 -10.26
CA GLN A 287 -0.03 15.58 -10.76
C GLN A 287 1.29 15.74 -11.46
N TYR A 288 2.06 14.66 -11.44
CA TYR A 288 3.34 14.53 -12.13
C TYR A 288 3.48 13.09 -12.59
N ASP A 289 2.50 12.28 -12.18
CA ASP A 289 2.49 10.81 -12.35
C ASP A 289 3.77 10.10 -11.87
N ALA A 290 4.46 10.73 -10.93
CA ALA A 290 5.63 10.15 -10.27
C ALA A 290 5.22 8.97 -9.37
N PRO A 291 6.09 7.94 -9.25
CA PRO A 291 5.75 6.73 -8.49
C PRO A 291 5.46 6.98 -7.01
N HIS A 292 4.42 6.30 -6.51
CA HIS A 292 3.94 6.46 -5.15
C HIS A 292 5.03 6.32 -4.09
N GLY A 293 5.81 5.24 -4.19
CA GLY A 293 6.83 4.91 -3.20
C GLY A 293 8.00 5.87 -3.10
N VAL A 294 8.50 6.32 -4.25
CA VAL A 294 9.65 7.23 -4.25
C VAL A 294 9.24 8.64 -3.78
N CYS A 295 8.10 9.13 -4.26
CA CYS A 295 7.62 10.43 -3.83
C CYS A 295 7.25 10.38 -2.34
N CYS A 296 6.98 9.18 -1.83
CA CYS A 296 6.80 8.96 -0.39
C CYS A 296 8.13 8.98 0.38
N ALA A 297 9.13 8.28 -0.15
CA ALA A 297 10.44 8.22 0.49
C ALA A 297 11.11 9.58 0.57
N LEU A 298 11.05 10.32 -0.54
CA LEU A 298 11.72 11.61 -0.65
C LEU A 298 11.12 12.68 0.28
N LEU A 299 9.90 12.43 0.76
CA LEU A 299 9.13 13.39 1.56
C LEU A 299 9.17 13.12 3.05
N LEU A 300 9.35 11.84 3.40
CA LEU A 300 9.21 11.35 4.76
C LEU A 300 10.04 12.11 5.81
N PRO A 301 11.38 12.20 5.63
CA PRO A 301 12.22 12.82 6.64
C PRO A 301 11.82 14.27 6.96
N TYR A 302 11.33 15.00 5.98
CA TYR A 302 10.92 16.39 6.18
C TYR A 302 9.52 16.50 6.75
N ALA A 303 8.63 15.58 6.35
CA ALA A 303 7.27 15.56 6.87
C ALA A 303 7.28 15.15 8.34
N GLU A 304 8.26 14.33 8.72
CA GLU A 304 8.34 13.89 10.10
C GLU A 304 9.22 14.81 10.96
N GLU A 305 10.22 15.44 10.33
CA GLU A 305 11.06 16.45 10.99
C GLU A 305 10.18 17.58 11.50
N TYR A 306 9.13 17.86 10.74
CA TYR A 306 8.09 18.79 11.15
C TYR A 306 7.32 18.20 12.32
N ASN A 307 6.90 16.94 12.17
CA ASN A 307 6.07 16.27 13.18
C ASN A 307 6.71 16.17 14.56
N LEU A 308 8.04 16.34 14.62
CA LEU A 308 8.79 16.19 15.86
C LEU A 308 8.13 16.87 17.04
N ILE A 309 7.92 18.19 16.94
CA ILE A 309 7.49 19.00 18.09
C ILE A 309 6.35 18.36 18.90
N ALA A 310 5.35 17.82 18.21
CA ALA A 310 4.16 17.22 18.84
C ALA A 310 4.43 15.88 19.54
N ASP A 311 5.07 14.94 18.85
CA ASP A 311 5.48 13.66 19.48
C ASP A 311 6.80 13.10 18.92
N PRO A 312 7.93 13.57 19.47
CA PRO A 312 9.26 13.02 19.17
C PRO A 312 9.65 11.91 20.12
N GLU A 313 8.81 11.69 21.14
CA GLU A 313 8.98 10.59 22.04
C GLU A 313 8.86 9.26 21.32
N ARG A 314 8.06 9.23 20.26
CA ARG A 314 7.80 8.01 19.48
C ARG A 314 8.88 7.75 18.44
N PHE A 315 9.44 8.81 17.86
CA PHE A 315 10.57 8.67 16.94
C PHE A 315 11.74 8.01 17.66
N ALA A 316 11.83 8.24 18.96
CA ALA A 316 12.85 7.61 19.77
C ALA A 316 12.78 6.11 19.53
N GLU A 317 11.56 5.56 19.45
CA GLU A 317 11.38 4.16 19.05
C GLU A 317 11.74 3.96 17.59
N LEU A 318 11.09 4.71 16.70
CA LEU A 318 11.39 4.61 15.28
C LEU A 318 12.91 4.46 15.12
N ALA A 319 13.66 5.28 15.85
CA ALA A 319 15.11 5.27 15.86
C ALA A 319 15.71 3.97 16.37
N ARG A 320 15.32 3.57 17.58
CA ARG A 320 15.82 2.32 18.16
C ARG A 320 15.54 1.17 17.19
N ILE A 321 14.36 1.20 16.56
CA ILE A 321 13.93 0.21 15.58
C ILE A 321 14.80 0.26 14.32
N MET A 322 15.39 1.43 14.08
CA MET A 322 16.38 1.60 13.02
C MET A 322 17.75 1.08 13.44
N GLY A 323 17.91 0.79 14.72
CA GLY A 323 19.19 0.28 15.20
C GLY A 323 20.13 1.41 15.60
N GLU A 324 19.59 2.60 15.75
CA GLU A 324 20.35 3.69 16.32
C GLU A 324 20.50 3.48 17.81
N ASN A 325 21.72 3.59 18.31
CA ASN A 325 21.96 3.59 19.75
C ASN A 325 21.68 4.98 20.31
N THR A 326 20.48 5.15 20.86
CA THR A 326 19.99 6.47 21.19
C THR A 326 20.10 6.78 22.68
N ASP A 327 20.76 5.90 23.43
CA ASP A 327 20.77 6.06 24.89
C ASP A 327 21.62 7.24 25.39
N GLY A 328 22.32 7.90 24.47
CA GLY A 328 22.95 9.16 24.77
C GLY A 328 21.96 10.31 24.71
N LEU A 329 21.13 10.32 23.66
CA LEU A 329 20.31 11.49 23.26
C LEU A 329 19.04 11.67 24.08
N SER A 330 18.59 12.91 24.20
CA SER A 330 17.30 13.19 24.80
C SER A 330 16.23 13.10 23.72
N THR A 331 14.96 13.12 24.14
CA THR A 331 13.82 12.92 23.24
C THR A 331 13.96 13.64 21.89
N ARG A 332 14.00 14.97 21.89
CA ARG A 332 13.99 15.76 20.64
C ARG A 332 15.20 15.49 19.75
N ASP A 333 16.36 15.31 20.37
CA ASP A 333 17.59 15.09 19.61
C ASP A 333 17.67 13.66 19.04
N ALA A 334 17.16 12.68 19.77
CA ALA A 334 17.09 11.31 19.24
C ALA A 334 16.16 11.25 18.02
N ALA A 335 15.01 11.91 18.14
CA ALA A 335 14.03 12.03 17.07
C ALA A 335 14.65 12.49 15.76
N GLU A 336 15.71 13.29 15.84
CA GLU A 336 16.47 13.71 14.65
C GLU A 336 17.24 12.56 14.00
N LEU A 337 17.97 11.81 14.83
CA LEU A 337 18.77 10.69 14.35
C LEU A 337 17.93 9.66 13.61
N SER A 338 16.64 9.62 13.95
CA SER A 338 15.67 8.77 13.27
C SER A 338 15.39 9.31 11.88
N ILE A 339 15.26 10.64 11.79
CA ILE A 339 15.11 11.33 10.50
C ILE A 339 16.38 11.13 9.67
N LYS A 340 17.53 11.15 10.34
CA LYS A 340 18.81 10.92 9.71
C LYS A 340 18.86 9.52 9.08
N ALA A 341 18.49 8.52 9.86
CA ALA A 341 18.57 7.13 9.43
C ALA A 341 17.51 6.80 8.39
N MET A 342 16.34 7.41 8.52
CA MET A 342 15.27 7.25 7.53
C MET A 342 15.77 7.74 6.19
N LYS A 343 16.36 8.94 6.21
CA LYS A 343 16.91 9.59 5.02
C LYS A 343 18.06 8.80 4.43
N GLN A 344 18.92 8.30 5.30
CA GLN A 344 20.05 7.49 4.89
C GLN A 344 19.57 6.23 4.18
N LEU A 345 18.64 5.50 4.79
CA LEU A 345 18.12 4.26 4.22
C LEU A 345 17.69 4.42 2.76
N SER A 346 16.96 5.49 2.47
CA SER A 346 16.49 5.75 1.11
C SER A 346 17.64 6.00 0.13
N GLU A 347 18.68 6.68 0.59
CA GLU A 347 19.85 6.96 -0.24
C GLU A 347 20.71 5.69 -0.43
N ASP A 348 20.37 4.64 0.31
CA ASP A 348 21.07 3.34 0.19
C ASP A 348 20.39 2.45 -0.83
N VAL A 349 19.07 2.56 -0.92
CA VAL A 349 18.28 1.80 -1.88
C VAL A 349 18.10 2.58 -3.19
N GLY A 350 18.78 3.71 -3.29
CA GLY A 350 18.82 4.48 -4.52
C GLY A 350 17.53 5.21 -4.83
N ILE A 351 16.97 5.87 -3.80
CA ILE A 351 15.89 6.82 -4.01
C ILE A 351 16.62 8.14 -4.16
N PRO A 352 16.11 8.98 -5.04
CA PRO A 352 16.66 10.33 -5.24
C PRO A 352 16.54 11.15 -3.95
N HIS A 353 17.60 11.89 -3.63
CA HIS A 353 17.66 12.67 -2.38
C HIS A 353 16.75 13.88 -2.28
N SER A 354 16.54 14.56 -3.42
CA SER A 354 15.69 15.74 -3.47
C SER A 354 14.53 15.56 -4.46
N ILE A 355 13.49 16.38 -4.29
CA ILE A 355 12.30 16.34 -5.14
C ILE A 355 12.59 16.90 -6.54
N LYS A 356 13.46 17.91 -6.59
CA LYS A 356 13.86 18.55 -7.85
C LYS A 356 14.18 17.52 -8.94
N ASP A 357 14.83 16.41 -8.54
CA ASP A 357 15.22 15.34 -9.46
C ASP A 357 14.02 14.67 -10.10
N ILE A 358 12.99 14.39 -9.29
CA ILE A 358 11.75 13.81 -9.77
C ILE A 358 11.06 14.73 -10.78
N GLY A 359 11.38 16.02 -10.70
CA GLY A 359 10.97 16.99 -11.71
C GLY A 359 9.70 17.73 -11.36
N ALA A 360 9.65 18.28 -10.15
CA ALA A 360 8.55 19.16 -9.73
C ALA A 360 8.94 20.63 -9.94
N LYS A 361 8.09 21.55 -9.49
CA LYS A 361 8.37 22.99 -9.60
C LYS A 361 7.74 23.84 -8.49
N PRO A 362 8.52 24.78 -7.91
CA PRO A 362 8.07 25.68 -6.83
C PRO A 362 6.78 26.46 -7.13
N GLU A 363 6.51 26.76 -8.40
CA GLU A 363 5.26 27.41 -8.82
C GLU A 363 4.03 26.52 -8.59
N ASP A 364 4.26 25.21 -8.58
CA ASP A 364 3.20 24.21 -8.36
C ASP A 364 2.86 23.97 -6.89
N PHE A 365 3.73 24.46 -6.01
CA PHE A 365 3.66 24.10 -4.59
C PHE A 365 2.41 24.60 -3.84
N ASP A 366 1.98 25.82 -4.11
CA ASP A 366 0.83 26.41 -3.43
C ASP A 366 -0.46 25.69 -3.78
N LEU A 367 -0.54 25.22 -5.02
CA LEU A 367 -1.70 24.49 -5.53
C LEU A 367 -1.75 23.08 -4.93
N MET A 368 -0.66 22.33 -5.11
CA MET A 368 -0.57 20.95 -4.61
C MET A 368 -0.79 20.84 -3.10
N ALA A 369 -0.43 21.89 -2.38
CA ALA A 369 -0.52 21.94 -0.92
C ALA A 369 -1.94 22.16 -0.41
N GLU A 370 -2.72 22.92 -1.17
CA GLU A 370 -4.13 23.13 -0.84
C GLU A 370 -4.85 21.79 -0.80
N ASN A 371 -4.47 20.88 -1.70
CA ASN A 371 -5.06 19.54 -1.80
C ASN A 371 -4.68 18.56 -0.68
N ALA A 372 -3.84 19.00 0.24
CA ALA A 372 -3.51 18.21 1.43
C ALA A 372 -4.68 18.24 2.42
N LEU A 373 -5.31 19.41 2.53
CA LEU A 373 -6.53 19.60 3.34
C LEU A 373 -7.64 18.62 2.96
N LYS A 374 -7.61 18.14 1.71
CA LYS A 374 -8.67 17.29 1.16
C LYS A 374 -8.42 15.78 1.37
N ASP A 375 -7.16 15.38 1.43
CA ASP A 375 -6.78 13.96 1.59
C ASP A 375 -7.22 13.47 2.97
N GLY A 376 -8.16 12.51 2.97
CA GLY A 376 -8.73 11.96 4.19
C GLY A 376 -7.69 11.48 5.18
N ASN A 377 -6.63 10.88 4.65
CA ASN A 377 -5.51 10.39 5.46
C ASN A 377 -4.80 11.45 6.32
N ALA A 378 -4.88 12.72 5.89
CA ALA A 378 -4.19 13.81 6.60
C ALA A 378 -4.69 14.04 8.02
N PHE A 379 -5.94 13.70 8.29
CA PHE A 379 -6.56 13.97 9.58
C PHE A 379 -5.89 13.21 10.75
N SER A 380 -5.19 12.12 10.42
CA SER A 380 -4.49 11.32 11.42
C SER A 380 -3.05 11.76 11.68
N ASN A 381 -2.69 12.96 11.22
CA ASN A 381 -1.37 13.51 11.55
C ASN A 381 -1.37 14.04 12.97
N PRO A 382 -0.33 13.70 13.76
CA PRO A 382 -0.29 14.06 15.17
C PRO A 382 -0.31 15.56 15.44
N ARG A 383 -0.02 16.35 14.40
CA ARG A 383 0.11 17.80 14.54
C ARG A 383 -0.44 18.50 13.29
N LYS A 384 -1.66 19.01 13.41
CA LYS A 384 -2.31 19.75 12.31
C LYS A 384 -1.55 21.04 12.02
N GLY A 385 -1.29 21.30 10.75
CA GLY A 385 -0.47 22.45 10.34
C GLY A 385 -1.15 23.46 9.45
N THR A 386 -0.79 24.73 9.63
CA THR A 386 -1.30 25.84 8.81
C THR A 386 -0.89 25.69 7.35
N LYS A 387 -1.66 26.31 6.45
CA LYS A 387 -1.33 26.32 5.01
C LYS A 387 0.13 26.70 4.79
N GLU A 388 0.65 27.55 5.68
CA GLU A 388 2.01 28.05 5.60
C GLU A 388 3.03 26.92 5.77
N ASP A 389 3.14 26.43 7.01
CA ASP A 389 4.17 25.45 7.37
C ASP A 389 4.22 24.21 6.47
N ILE A 390 3.07 23.83 5.90
CA ILE A 390 3.02 22.65 5.01
C ILE A 390 3.56 22.92 3.60
N VAL A 391 3.34 24.14 3.11
CA VAL A 391 3.99 24.58 1.88
C VAL A 391 5.49 24.69 2.18
N LYS A 392 5.81 25.22 3.36
CA LYS A 392 7.20 25.35 3.83
C LYS A 392 7.86 23.97 3.98
N ILE A 393 7.05 22.92 4.05
CA ILE A 393 7.57 21.55 4.06
C ILE A 393 7.99 21.13 2.65
N PHE A 394 7.22 21.56 1.66
CA PHE A 394 7.56 21.31 0.26
C PHE A 394 8.88 21.98 -0.10
N GLN A 395 9.08 23.18 0.44
CA GLN A 395 10.33 23.91 0.27
C GLN A 395 11.45 23.15 0.98
N GLU A 396 11.18 22.73 2.21
CA GLU A 396 12.10 21.88 2.94
C GLU A 396 12.41 20.62 2.15
N ALA A 397 11.41 20.13 1.41
CA ALA A 397 11.56 18.96 0.55
C ALA A 397 12.59 19.20 -0.55
N TYR A 398 12.65 20.45 -1.01
CA TYR A 398 13.64 20.88 -1.97
C TYR A 398 15.02 21.07 -1.33
#